data_8AFR
#
_entry.id   8AFR
#
_cell.length_a   96.437
_cell.length_b   96.437
_cell.length_c   80.250
_cell.angle_alpha   90.000
_cell.angle_beta   90.000
_cell.angle_gamma   120.000
#
_symmetry.space_group_name_H-M   'P 65'
#
loop_
_entity.id
_entity.type
_entity.pdbx_description
1 polymer 'Serine/threonine-protein kinase pim-1'
2 polymer Pimtide
3 non-polymer '4-((6-hydroxybenzofuran-3-yl)methyl)benzoic acid'
4 water water
#
loop_
_entity_poly.entity_id
_entity_poly.type
_entity_poly.pdbx_seq_one_letter_code
_entity_poly.pdbx_strand_id
1 'polypeptide(L)'
;SMLLSKINSLAHLRAAPCNDLHATKLAPGKEKEPLESQYQVGPLLGSFGSVYSGIRVSDNLPVAIKHVEKDRISDWGELP
NGTRVPMEVVLLKKVSSGFSGVIRLLDWFERPDSFVLILERPEPVQDLFDFITERGALQEELARSFFWQVLEAVRHCHNC
GVLHRDIKDENILIDLNRGELKLIDFGSGALLKDTVYTDFDGTRVYSPPEWIRYHRYHGRSAAVWSLGILLYDMVCGDIP
FEHDEEIIGGQVFFRQRVS(SEP)ECQHLIRWCLALRPSDRPTFEEIQNHPWMQDVLLPQETAEIHLHSPGPS
;
A
2 'polypeptide(L)' ARKRRRHPSGPPTA C
#
# COMPACT_ATOMS: atom_id res chain seq x y z
N PRO A 34 -17.13 23.44 -11.03
CA PRO A 34 -16.20 24.14 -10.13
C PRO A 34 -15.85 23.32 -8.90
N LEU A 35 -14.61 23.46 -8.42
CA LEU A 35 -14.14 22.67 -7.29
C LEU A 35 -14.49 23.29 -5.94
N GLU A 36 -14.35 24.61 -5.81
CA GLU A 36 -14.53 25.26 -4.52
C GLU A 36 -15.98 25.23 -4.05
N SER A 37 -16.94 25.04 -4.96
CA SER A 37 -18.35 25.07 -4.60
C SER A 37 -18.88 23.72 -4.15
N GLN A 38 -18.38 22.62 -4.72
CA GLN A 38 -18.93 21.30 -4.42
C GLN A 38 -18.37 20.71 -3.13
N TYR A 39 -17.27 21.25 -2.61
CA TYR A 39 -16.63 20.72 -1.42
C TYR A 39 -16.26 21.85 -0.46
N GLN A 40 -16.36 21.56 0.82
CA GLN A 40 -15.84 22.43 1.87
C GLN A 40 -14.44 21.95 2.22
N VAL A 41 -13.43 22.75 1.87
CA VAL A 41 -12.04 22.36 2.06
C VAL A 41 -11.63 22.64 3.49
N GLY A 42 -11.01 21.67 4.13
CA GLY A 42 -10.54 21.83 5.49
C GLY A 42 -9.04 22.03 5.55
N PRO A 43 -8.49 21.92 6.75
CA PRO A 43 -7.04 22.06 6.91
C PRO A 43 -6.30 20.85 6.34
N LEU A 44 -4.98 20.99 6.32
CA LEU A 44 -4.08 19.95 5.84
C LEU A 44 -4.26 18.66 6.63
N LEU A 45 -3.82 17.56 6.02
CA LEU A 45 -3.85 16.25 6.69
C LEU A 45 -2.44 15.77 7.01
N SER A 50 0.35 16.90 -0.21
CA SER A 50 -0.65 17.96 -0.17
C SER A 50 -2.06 17.41 -0.18
N VAL A 51 -2.51 16.91 0.97
CA VAL A 51 -3.84 16.35 1.13
C VAL A 51 -4.56 17.13 2.21
N TYR A 52 -5.80 17.52 1.92
CA TYR A 52 -6.62 18.32 2.83
C TYR A 52 -7.86 17.54 3.23
N SER A 53 -8.29 17.74 4.48
CA SER A 53 -9.59 17.24 4.89
C SER A 53 -10.69 18.00 4.16
N GLY A 54 -11.80 17.32 3.91
CA GLY A 54 -12.89 17.94 3.20
C GLY A 54 -14.19 17.23 3.44
N ILE A 55 -15.28 17.95 3.16
CA ILE A 55 -16.62 17.42 3.23
C ILE A 55 -17.32 17.74 1.91
N ARG A 56 -17.94 16.74 1.30
CA ARG A 56 -18.74 16.97 0.10
C ARG A 56 -20.03 17.68 0.49
N VAL A 57 -20.23 18.89 -0.04
CA VAL A 57 -21.40 19.68 0.32
C VAL A 57 -22.69 18.99 -0.12
N SER A 58 -22.63 18.18 -1.18
CA SER A 58 -23.83 17.52 -1.69
C SER A 58 -24.46 16.61 -0.64
N ASP A 59 -23.64 16.06 0.27
CA ASP A 59 -24.21 15.13 1.26
C ASP A 59 -23.39 15.05 2.54
N ASN A 60 -22.49 15.99 2.82
CA ASN A 60 -21.66 15.99 4.03
C ASN A 60 -20.81 14.72 4.14
N LEU A 61 -20.40 14.16 3.00
CA LEU A 61 -19.55 12.98 3.02
C LEU A 61 -18.10 13.37 3.26
N PRO A 62 -17.38 12.68 4.15
CA PRO A 62 -15.96 13.01 4.36
C PRO A 62 -15.12 12.61 3.15
N VAL A 63 -14.29 13.54 2.69
CA VAL A 63 -13.41 13.30 1.55
C VAL A 63 -11.99 13.76 1.89
N ALA A 64 -11.04 13.24 1.13
CA ALA A 64 -9.67 13.72 1.13
C ALA A 64 -9.40 14.38 -0.21
N ILE A 65 -8.81 15.58 -0.17
CA ILE A 65 -8.59 16.40 -1.35
C ILE A 65 -7.09 16.42 -1.60
N LYS A 66 -6.65 15.67 -2.60
CA LYS A 66 -5.22 15.53 -2.90
C LYS A 66 -4.87 16.38 -4.13
N HIS A 67 -3.87 17.23 -3.98
CA HIS A 67 -3.41 18.10 -5.05
C HIS A 67 -2.08 17.59 -5.57
N VAL A 68 -1.96 17.50 -6.89
CA VAL A 68 -0.75 17.01 -7.57
C VAL A 68 -0.34 18.06 -8.60
N GLU A 69 0.88 18.57 -8.45
CA GLU A 69 1.36 19.60 -9.37
C GLU A 69 1.75 18.98 -10.70
N LYS A 70 1.36 19.64 -11.79
CA LYS A 70 1.60 19.08 -13.12
C LYS A 70 3.09 18.92 -13.39
N ASP A 71 3.90 19.85 -12.90
CA ASP A 71 5.33 19.83 -13.22
C ASP A 71 6.06 18.63 -12.63
N ARG A 72 5.51 18.02 -11.57
CA ARG A 72 6.16 16.92 -10.89
C ARG A 72 5.61 15.56 -11.30
N ILE A 73 4.74 15.51 -12.29
CA ILE A 73 4.07 14.27 -12.66
C ILE A 73 4.98 13.47 -13.59
N SER A 74 5.27 12.22 -13.20
CA SER A 74 6.19 11.37 -13.95
C SER A 74 5.54 10.85 -15.22
N ASP A 75 4.54 9.98 -15.09
CA ASP A 75 3.92 9.30 -16.22
C ASP A 75 2.51 9.82 -16.44
N TRP A 76 2.12 9.94 -17.71
CA TRP A 76 0.78 10.35 -18.09
C TRP A 76 0.09 9.23 -18.84
N GLY A 77 -1.24 9.25 -18.80
CA GLY A 77 -2.05 8.32 -19.56
C GLY A 77 -3.31 9.01 -20.05
N GLU A 78 -4.08 8.26 -20.83
CA GLU A 78 -5.37 8.72 -21.34
C GLU A 78 -6.47 7.83 -20.78
N LEU A 79 -7.70 8.34 -20.85
CA LEU A 79 -8.85 7.60 -20.35
C LEU A 79 -9.84 7.31 -21.47
N THR A 83 -8.40 12.35 -23.56
CA THR A 83 -8.39 12.98 -22.25
C THR A 83 -7.10 12.63 -21.50
N ARG A 84 -6.15 13.55 -21.52
CA ARG A 84 -4.83 13.32 -20.93
C ARG A 84 -4.87 13.63 -19.44
N VAL A 85 -4.53 12.64 -18.62
CA VAL A 85 -4.56 12.78 -17.16
C VAL A 85 -3.32 12.11 -16.57
N PRO A 86 -2.98 12.45 -15.33
CA PRO A 86 -1.88 11.74 -14.67
C PRO A 86 -2.17 10.25 -14.59
N MET A 87 -1.10 9.45 -14.68
CA MET A 87 -1.26 8.00 -14.57
C MET A 87 -1.98 7.62 -13.29
N GLU A 88 -1.78 8.39 -12.22
CA GLU A 88 -2.42 8.09 -10.95
C GLU A 88 -3.94 8.07 -11.09
N VAL A 89 -4.48 9.00 -11.88
CA VAL A 89 -5.93 9.04 -12.10
C VAL A 89 -6.37 7.83 -12.91
N VAL A 90 -5.60 7.45 -13.93
CA VAL A 90 -5.91 6.25 -14.71
C VAL A 90 -6.01 5.03 -13.79
N LEU A 91 -4.99 4.83 -12.95
CA LEU A 91 -4.98 3.64 -12.10
C LEU A 91 -6.09 3.68 -11.07
N LEU A 92 -6.38 4.86 -10.50
CA LEU A 92 -7.44 4.95 -9.51
C LEU A 92 -8.80 4.65 -10.11
N LYS A 93 -9.04 5.11 -11.34
CA LYS A 93 -10.30 4.78 -12.01
C LYS A 93 -10.41 3.29 -12.28
N LYS A 94 -9.30 2.66 -12.71
CA LYS A 94 -9.36 1.24 -13.03
C LYS A 94 -9.64 0.39 -11.80
N VAL A 95 -9.20 0.82 -10.61
CA VAL A 95 -9.46 0.04 -9.41
C VAL A 95 -10.70 0.49 -8.66
N SER A 96 -11.32 1.60 -9.05
CA SER A 96 -12.51 2.07 -8.36
C SER A 96 -13.67 1.13 -8.64
N SER A 97 -14.31 0.66 -7.57
CA SER A 97 -15.45 -0.25 -7.65
C SER A 97 -16.07 -0.43 -6.27
N GLY A 98 -16.83 -1.50 -6.08
CA GLY A 98 -17.42 -1.76 -4.78
C GLY A 98 -16.45 -2.32 -3.75
N PHE A 99 -15.32 -2.87 -4.21
CA PHE A 99 -14.35 -3.48 -3.29
C PHE A 99 -13.75 -2.40 -2.39
N SER A 100 -13.87 -2.60 -1.08
CA SER A 100 -13.49 -1.60 -0.10
C SER A 100 -12.01 -1.68 0.31
N GLY A 101 -11.21 -2.50 -0.37
CA GLY A 101 -9.82 -2.64 0.00
C GLY A 101 -8.87 -1.62 -0.60
N VAL A 102 -9.35 -0.85 -1.57
N VAL A 102 -9.32 -0.88 -1.60
CA VAL A 102 -8.57 0.17 -2.24
CA VAL A 102 -8.51 0.19 -2.19
C VAL A 102 -9.27 1.51 -2.06
C VAL A 102 -9.26 1.49 -2.03
N ILE A 103 -8.49 2.59 -1.93
CA ILE A 103 -9.09 3.90 -1.80
C ILE A 103 -9.87 4.22 -3.08
N ARG A 104 -11.04 4.82 -2.90
CA ARG A 104 -11.95 5.10 -4.02
C ARG A 104 -11.79 6.55 -4.45
N LEU A 105 -11.48 6.75 -5.73
CA LEU A 105 -11.46 8.08 -6.34
C LEU A 105 -12.90 8.50 -6.63
N LEU A 106 -13.38 9.54 -5.95
CA LEU A 106 -14.75 9.97 -6.13
C LEU A 106 -14.92 10.93 -7.30
N ASP A 107 -13.91 11.75 -7.58
CA ASP A 107 -13.97 12.77 -8.61
C ASP A 107 -12.56 13.32 -8.79
N TRP A 108 -12.38 14.10 -9.86
CA TRP A 108 -11.13 14.79 -10.08
C TRP A 108 -11.38 16.02 -10.94
N PHE A 109 -10.48 16.99 -10.81
CA PHE A 109 -10.56 18.25 -11.54
C PHE A 109 -9.19 18.59 -12.09
N GLU A 110 -9.17 19.26 -13.23
CA GLU A 110 -7.93 19.80 -13.78
C GLU A 110 -7.90 21.30 -13.57
N ARG A 111 -6.80 21.79 -13.04
CA ARG A 111 -6.51 23.21 -12.90
C ARG A 111 -5.35 23.56 -13.82
N PRO A 112 -5.09 24.85 -14.04
CA PRO A 112 -3.96 25.22 -14.92
C PRO A 112 -2.64 24.54 -14.58
N ASP A 113 -2.26 24.52 -13.29
CA ASP A 113 -0.96 24.01 -12.89
C ASP A 113 -1.03 22.70 -12.12
N SER A 114 -2.21 22.11 -11.94
CA SER A 114 -2.33 20.92 -11.09
C SER A 114 -3.62 20.17 -11.40
N PHE A 115 -3.66 18.93 -10.90
CA PHE A 115 -4.87 18.14 -10.81
C PHE A 115 -5.27 17.98 -9.36
N VAL A 116 -6.57 17.92 -9.12
CA VAL A 116 -7.12 17.76 -7.78
C VAL A 116 -7.91 16.47 -7.73
N LEU A 117 -7.59 15.62 -6.76
CA LEU A 117 -8.19 14.30 -6.64
C LEU A 117 -9.09 14.29 -5.40
N ILE A 118 -10.35 13.94 -5.60
CA ILE A 118 -11.30 13.80 -4.49
C ILE A 118 -11.35 12.32 -4.14
N LEU A 119 -10.81 11.97 -2.98
CA LEU A 119 -10.74 10.59 -2.53
C LEU A 119 -11.66 10.40 -1.33
N GLU A 120 -12.13 9.17 -1.14
CA GLU A 120 -12.92 8.87 0.04
C GLU A 120 -12.06 8.99 1.29
N ARG A 121 -12.69 9.37 2.40
CA ARG A 121 -11.99 9.52 3.67
C ARG A 121 -12.74 8.74 4.74
N PRO A 122 -12.25 7.57 5.12
CA PRO A 122 -12.85 6.86 6.25
C PRO A 122 -12.54 7.57 7.55
N GLU A 123 -13.46 7.45 8.51
CA GLU A 123 -13.30 8.02 9.82
C GLU A 123 -13.99 7.08 10.80
N PRO A 124 -13.33 6.73 11.92
CA PRO A 124 -11.97 7.17 12.24
C PRO A 124 -10.91 6.29 11.59
N VAL A 125 -9.76 6.85 11.25
CA VAL A 125 -8.67 6.10 10.64
C VAL A 125 -7.38 6.37 11.38
N GLN A 126 -6.42 5.48 11.14
CA GLN A 126 -5.01 5.70 11.41
C GLN A 126 -4.27 4.92 10.34
N ASP A 127 -3.17 5.46 9.83
CA ASP A 127 -2.42 4.66 8.88
C ASP A 127 -1.62 3.59 9.62
N LEU A 128 -1.26 2.53 8.89
CA LEU A 128 -0.63 1.38 9.53
C LEU A 128 0.74 1.73 10.10
N PHE A 129 1.42 2.72 9.53
CA PHE A 129 2.72 3.12 10.08
C PHE A 129 2.56 3.65 11.51
N ASP A 130 1.68 4.64 11.70
CA ASP A 130 1.46 5.16 13.05
C ASP A 130 0.89 4.09 13.96
N PHE A 131 0.04 3.20 13.43
CA PHE A 131 -0.51 2.12 14.24
C PHE A 131 0.60 1.23 14.79
N ILE A 132 1.56 0.86 13.95
CA ILE A 132 2.65 -0.02 14.41
C ILE A 132 3.60 0.74 15.33
N THR A 133 3.84 2.02 15.04
CA THR A 133 4.68 2.81 15.94
C THR A 133 4.12 2.83 17.36
N GLU A 134 2.80 3.04 17.48
CA GLU A 134 2.21 3.20 18.80
C GLU A 134 2.07 1.88 19.53
N ARG A 135 1.71 0.81 18.82
CA ARG A 135 1.43 -0.47 19.45
C ARG A 135 2.64 -1.41 19.45
N GLY A 136 3.66 -1.11 18.66
CA GLY A 136 4.79 -2.02 18.54
C GLY A 136 4.46 -3.21 17.65
N ALA A 137 5.26 -4.26 17.77
CA ALA A 137 5.02 -5.48 17.00
C ALA A 137 3.62 -6.02 17.28
N LEU A 138 2.90 -6.35 16.21
CA LEU A 138 1.52 -6.80 16.33
C LEU A 138 1.45 -8.30 16.62
N GLN A 139 0.47 -8.69 17.44
CA GLN A 139 0.13 -10.10 17.57
C GLN A 139 -0.05 -10.72 16.18
N GLU A 140 0.40 -11.97 16.04
CA GLU A 140 0.32 -12.63 14.73
C GLU A 140 -1.13 -12.76 14.26
N GLU A 141 -2.07 -12.95 15.17
CA GLU A 141 -3.48 -12.98 14.76
C GLU A 141 -3.88 -11.68 14.09
N LEU A 142 -3.47 -10.55 14.66
CA LEU A 142 -3.79 -9.26 14.06
C LEU A 142 -3.01 -9.06 12.77
N ALA A 143 -1.71 -9.39 12.76
CA ALA A 143 -0.91 -9.29 11.55
C ALA A 143 -1.48 -10.16 10.43
N ARG A 144 -1.97 -11.36 10.77
CA ARG A 144 -2.58 -12.23 9.77
C ARG A 144 -3.78 -11.57 9.12
N SER A 145 -4.66 -10.98 9.94
CA SER A 145 -5.86 -10.34 9.40
C SER A 145 -5.49 -9.15 8.52
N PHE A 146 -4.60 -8.30 9.00
CA PHE A 146 -4.16 -7.14 8.23
C PHE A 146 -3.48 -7.57 6.93
N PHE A 147 -2.53 -8.51 7.02
CA PHE A 147 -1.79 -8.94 5.85
C PHE A 147 -2.71 -9.57 4.82
N TRP A 148 -3.69 -10.36 5.29
CA TRP A 148 -4.64 -10.98 4.38
C TRP A 148 -5.44 -9.92 3.63
N GLN A 149 -5.86 -8.87 4.33
CA GLN A 149 -6.62 -7.82 3.67
C GLN A 149 -5.77 -7.08 2.63
N VAL A 150 -4.47 -6.89 2.92
CA VAL A 150 -3.59 -6.24 1.95
C VAL A 150 -3.44 -7.13 0.71
N LEU A 151 -3.28 -8.44 0.92
CA LEU A 151 -3.19 -9.36 -0.21
C LEU A 151 -4.44 -9.29 -1.10
N GLU A 152 -5.63 -9.25 -0.49
CA GLU A 152 -6.85 -9.18 -1.28
C GLU A 152 -6.91 -7.87 -2.05
N ALA A 153 -6.44 -6.78 -1.43
CA ALA A 153 -6.47 -5.48 -2.09
C ALA A 153 -5.48 -5.42 -3.25
N VAL A 154 -4.28 -5.98 -3.05
CA VAL A 154 -3.29 -6.00 -4.11
C VAL A 154 -3.75 -6.89 -5.26
N ARG A 155 -4.32 -8.06 -4.93
CA ARG A 155 -4.91 -8.90 -5.97
C ARG A 155 -5.98 -8.15 -6.75
N HIS A 156 -6.80 -7.35 -6.06
CA HIS A 156 -7.77 -6.53 -6.76
C HIS A 156 -7.09 -5.59 -7.74
N CYS A 157 -6.03 -4.90 -7.29
CA CYS A 157 -5.27 -4.03 -8.20
C CYS A 157 -4.81 -4.80 -9.43
N HIS A 158 -4.15 -5.94 -9.23
CA HIS A 158 -3.63 -6.70 -10.35
C HIS A 158 -4.75 -7.18 -11.26
N ASN A 159 -5.89 -7.58 -10.69
CA ASN A 159 -7.02 -8.03 -11.50
C ASN A 159 -7.55 -6.90 -12.37
N CYS A 160 -7.45 -5.66 -11.90
CA CYS A 160 -7.85 -4.49 -12.66
C CYS A 160 -6.74 -3.95 -13.57
N GLY A 161 -5.61 -4.67 -13.68
CA GLY A 161 -4.55 -4.22 -14.55
C GLY A 161 -3.66 -3.13 -13.95
N VAL A 162 -3.57 -3.05 -12.63
CA VAL A 162 -2.86 -1.96 -11.96
C VAL A 162 -1.79 -2.54 -11.05
N LEU A 163 -0.58 -2.00 -11.15
CA LEU A 163 0.54 -2.36 -10.27
C LEU A 163 0.83 -1.16 -9.36
N HIS A 164 0.75 -1.39 -8.04
CA HIS A 164 0.83 -0.28 -7.10
C HIS A 164 2.24 0.29 -7.00
N ARG A 165 3.24 -0.59 -6.83
CA ARG A 165 4.67 -0.27 -6.75
C ARG A 165 5.07 0.53 -5.52
N ASP A 166 4.20 0.69 -4.53
CA ASP A 166 4.63 1.37 -3.32
C ASP A 166 3.88 0.81 -2.11
N ILE A 167 3.78 -0.52 -2.02
CA ILE A 167 3.16 -1.16 -0.87
C ILE A 167 4.05 -0.93 0.35
N LYS A 168 3.47 -0.34 1.40
CA LYS A 168 4.19 -0.13 2.66
C LYS A 168 3.15 0.26 3.71
N ASP A 169 3.56 0.23 4.98
CA ASP A 169 2.62 0.54 6.05
C ASP A 169 2.10 1.97 5.97
N GLU A 170 2.93 2.90 5.47
CA GLU A 170 2.48 4.28 5.32
C GLU A 170 1.33 4.42 4.35
N ASN A 171 1.23 3.52 3.37
CA ASN A 171 0.22 3.60 2.32
C ASN A 171 -0.97 2.68 2.59
N ILE A 172 -1.27 2.41 3.86
CA ILE A 172 -2.37 1.53 4.25
C ILE A 172 -3.12 2.24 5.36
N LEU A 173 -4.43 2.42 5.18
CA LEU A 173 -5.28 3.04 6.18
C LEU A 173 -6.09 1.97 6.89
N ILE A 174 -6.29 2.15 8.18
CA ILE A 174 -7.06 1.21 8.99
C ILE A 174 -8.37 1.90 9.38
N ASP A 175 -9.48 1.36 8.89
CA ASP A 175 -10.79 1.75 9.40
C ASP A 175 -10.93 1.16 10.79
N LEU A 176 -10.77 2.00 11.83
CA LEU A 176 -10.70 1.50 13.19
C LEU A 176 -12.01 0.92 13.68
N ASN A 177 -13.14 1.31 13.10
CA ASN A 177 -14.42 0.78 13.57
C ASN A 177 -14.87 -0.45 12.80
N ARG A 178 -14.56 -0.53 11.51
CA ARG A 178 -14.93 -1.69 10.72
C ARG A 178 -13.81 -2.72 10.60
N GLY A 179 -12.60 -2.41 11.06
CA GLY A 179 -11.50 -3.33 10.93
C GLY A 179 -11.08 -3.61 9.50
N GLU A 180 -11.34 -2.69 8.57
CA GLU A 180 -11.03 -2.86 7.16
C GLU A 180 -9.86 -1.98 6.77
N LEU A 181 -8.93 -2.55 6.00
CA LEU A 181 -7.74 -1.85 5.53
C LEU A 181 -7.94 -1.33 4.12
N LYS A 182 -7.35 -0.17 3.83
CA LYS A 182 -7.44 0.44 2.51
C LYS A 182 -6.05 0.82 2.01
N LEU A 183 -5.73 0.39 0.80
CA LEU A 183 -4.49 0.77 0.13
C LEU A 183 -4.64 2.14 -0.53
N ILE A 184 -3.67 3.03 -0.30
CA ILE A 184 -3.75 4.41 -0.79
C ILE A 184 -2.50 4.74 -1.60
N ASP A 185 -2.49 5.97 -2.13
CA ASP A 185 -1.37 6.57 -2.85
C ASP A 185 -0.88 5.73 -4.02
N PHE A 186 -1.54 5.86 -5.17
CA PHE A 186 -1.12 5.22 -6.40
C PHE A 186 -0.15 6.07 -7.21
N GLY A 187 0.49 7.05 -6.57
CA GLY A 187 1.37 8.00 -7.25
C GLY A 187 2.64 7.41 -7.83
N SER A 188 2.99 6.18 -7.45
CA SER A 188 4.16 5.50 -8.01
C SER A 188 3.76 4.31 -8.87
N GLY A 189 2.46 4.13 -9.12
CA GLY A 189 1.98 2.94 -9.79
C GLY A 189 2.20 2.96 -11.29
N ALA A 190 1.85 1.84 -11.92
CA ALA A 190 1.89 1.72 -13.37
C ALA A 190 0.84 0.70 -13.79
N LEU A 191 0.54 0.70 -15.08
CA LEU A 191 -0.26 -0.38 -15.63
C LEU A 191 0.49 -1.69 -15.44
N LEU A 192 -0.25 -2.72 -15.03
CA LEU A 192 0.36 -4.03 -14.86
C LEU A 192 0.74 -4.61 -16.21
N LYS A 193 2.00 -5.01 -16.36
CA LYS A 193 2.46 -5.71 -17.55
C LYS A 193 3.31 -6.90 -17.12
N ASP A 194 3.50 -7.84 -18.05
CA ASP A 194 4.27 -9.04 -17.78
C ASP A 194 5.73 -8.92 -18.23
N THR A 195 6.10 -7.81 -18.85
CA THR A 195 7.48 -7.60 -19.28
C THR A 195 8.24 -6.82 -18.21
N VAL A 196 9.54 -6.66 -18.43
CA VAL A 196 10.40 -6.11 -17.38
C VAL A 196 10.12 -4.63 -17.20
N TYR A 197 10.20 -4.17 -15.95
CA TYR A 197 10.17 -2.75 -15.61
C TYR A 197 11.60 -2.27 -15.43
N THR A 198 11.92 -1.10 -16.00
CA THR A 198 13.24 -0.49 -15.83
C THR A 198 13.17 0.86 -15.14
N ASP A 199 11.99 1.31 -14.71
CA ASP A 199 11.82 2.52 -13.92
C ASP A 199 11.16 2.17 -12.60
N PHE A 200 11.42 2.99 -11.58
CA PHE A 200 10.83 2.78 -10.26
C PHE A 200 10.96 4.07 -9.45
N ASP A 201 9.87 4.48 -8.82
CA ASP A 201 9.87 5.68 -7.98
C ASP A 201 9.16 5.44 -6.65
N GLY A 202 9.01 4.18 -6.24
CA GLY A 202 8.42 3.85 -4.95
C GLY A 202 9.41 4.05 -3.82
N THR A 203 9.26 3.26 -2.77
CA THR A 203 10.08 3.40 -1.56
C THR A 203 11.23 2.38 -1.61
N ARG A 204 12.46 2.89 -1.51
CA ARG A 204 13.63 2.07 -1.79
C ARG A 204 13.77 0.92 -0.79
N VAL A 205 13.51 1.18 0.49
CA VAL A 205 13.67 0.14 1.51
C VAL A 205 12.65 -0.97 1.37
N TYR A 206 11.64 -0.78 0.52
CA TYR A 206 10.70 -1.83 0.15
C TYR A 206 10.96 -2.41 -1.24
N SER A 207 11.95 -1.86 -1.98
CA SER A 207 12.24 -2.31 -3.33
C SER A 207 13.09 -3.57 -3.31
N PRO A 208 12.99 -4.40 -4.34
CA PRO A 208 13.61 -5.72 -4.31
C PRO A 208 15.07 -5.65 -4.71
N PRO A 209 15.85 -6.69 -4.38
CA PRO A 209 17.29 -6.64 -4.68
C PRO A 209 17.62 -6.62 -6.16
N GLU A 210 16.76 -7.19 -7.02
CA GLU A 210 17.01 -7.09 -8.45
C GLU A 210 16.89 -5.66 -8.94
N TRP A 211 16.10 -4.83 -8.25
CA TRP A 211 16.08 -3.40 -8.59
C TRP A 211 17.34 -2.73 -8.10
N ILE A 212 17.78 -3.04 -6.89
CA ILE A 212 19.00 -2.46 -6.36
C ILE A 212 20.20 -2.82 -7.22
N ARG A 213 20.33 -4.10 -7.57
CA ARG A 213 21.51 -4.56 -8.28
C ARG A 213 21.48 -4.18 -9.75
N TYR A 214 20.36 -4.43 -10.43
CA TYR A 214 20.31 -4.36 -11.89
C TYR A 214 19.31 -3.35 -12.44
N HIS A 215 18.61 -2.60 -11.59
CA HIS A 215 17.61 -1.63 -12.02
C HIS A 215 16.58 -2.25 -12.98
N ARG A 216 16.16 -3.46 -12.66
CA ARG A 216 15.10 -4.13 -13.41
C ARG A 216 14.33 -5.05 -12.46
N TYR A 217 13.06 -5.25 -12.76
CA TYR A 217 12.20 -6.11 -11.95
C TYR A 217 10.95 -6.43 -12.74
N HIS A 218 10.26 -7.49 -12.32
CA HIS A 218 8.93 -7.81 -12.81
C HIS A 218 7.91 -7.47 -11.74
N GLY A 219 6.71 -7.09 -12.19
CA GLY A 219 5.72 -6.51 -11.30
C GLY A 219 5.30 -7.35 -10.10
N ARG A 220 4.80 -8.56 -10.36
N ARG A 220 4.82 -8.57 -10.36
CA ARG A 220 4.24 -9.36 -9.29
CA ARG A 220 4.24 -9.36 -9.29
C ARG A 220 5.31 -9.80 -8.29
C ARG A 220 5.29 -9.83 -8.29
N SER A 221 6.47 -10.21 -8.78
CA SER A 221 7.51 -10.71 -7.86
C SER A 221 8.10 -9.57 -7.05
N ALA A 222 8.22 -8.37 -7.63
CA ALA A 222 8.61 -7.22 -6.84
C ALA A 222 7.56 -6.88 -5.80
N ALA A 223 6.28 -7.04 -6.15
CA ALA A 223 5.21 -6.79 -5.18
C ALA A 223 5.30 -7.76 -4.01
N VAL A 224 5.57 -9.04 -4.30
CA VAL A 224 5.67 -10.04 -3.24
C VAL A 224 6.83 -9.69 -2.31
N TRP A 225 7.94 -9.21 -2.86
CA TRP A 225 9.05 -8.78 -2.00
C TRP A 225 8.60 -7.69 -1.04
N SER A 226 7.94 -6.65 -1.55
CA SER A 226 7.48 -5.57 -0.68
C SER A 226 6.49 -6.07 0.37
N LEU A 227 5.72 -7.12 0.04
CA LEU A 227 4.82 -7.70 1.02
C LEU A 227 5.57 -8.47 2.09
N GLY A 228 6.70 -9.08 1.72
CA GLY A 228 7.57 -9.66 2.73
C GLY A 228 8.11 -8.62 3.68
N ILE A 229 8.50 -7.45 3.16
CA ILE A 229 8.98 -6.37 4.01
C ILE A 229 7.86 -5.92 4.94
N LEU A 230 6.65 -5.81 4.41
CA LEU A 230 5.51 -5.35 5.19
C LEU A 230 5.16 -6.34 6.30
N LEU A 231 5.22 -7.64 6.00
CA LEU A 231 4.84 -8.63 7.00
C LEU A 231 5.85 -8.66 8.14
N TYR A 232 7.15 -8.63 7.81
CA TYR A 232 8.18 -8.49 8.84
C TYR A 232 7.93 -7.23 9.67
N ASP A 233 7.66 -6.11 9.00
CA ASP A 233 7.35 -4.86 9.69
C ASP A 233 6.20 -5.04 10.68
N MET A 234 5.15 -5.76 10.27
N MET A 234 5.17 -5.80 10.30
CA MET A 234 4.01 -6.01 11.15
CA MET A 234 4.02 -5.95 11.19
C MET A 234 4.43 -6.76 12.40
C MET A 234 4.34 -6.82 12.41
N VAL A 235 5.08 -7.92 12.21
CA VAL A 235 5.32 -8.83 13.34
C VAL A 235 6.57 -8.50 14.14
N CYS A 236 7.44 -7.61 13.63
CA CYS A 236 8.64 -7.23 14.37
C CYS A 236 8.62 -5.77 14.84
N GLY A 237 7.73 -4.95 14.33
CA GLY A 237 7.64 -3.57 14.76
C GLY A 237 8.41 -2.58 13.92
N ASP A 238 9.23 -3.05 12.98
CA ASP A 238 9.89 -2.16 12.03
C ASP A 238 10.40 -3.01 10.87
N ILE A 239 10.76 -2.34 9.78
CA ILE A 239 11.18 -3.02 8.55
C ILE A 239 12.52 -3.69 8.79
N PRO A 240 12.88 -4.75 8.04
CA PRO A 240 14.15 -5.44 8.31
C PRO A 240 15.39 -4.73 7.78
N PHE A 241 15.29 -4.06 6.64
CA PHE A 241 16.45 -3.51 5.94
C PHE A 241 16.35 -2.00 5.87
N GLU A 242 17.49 -1.33 6.05
CA GLU A 242 17.59 0.11 5.83
C GLU A 242 18.57 0.50 4.73
N HIS A 243 19.60 -0.31 4.47
CA HIS A 243 20.64 0.00 3.50
C HIS A 243 20.64 -1.00 2.36
N ASP A 244 21.20 -0.59 1.21
CA ASP A 244 21.18 -1.45 0.03
C ASP A 244 21.90 -2.77 0.28
N GLU A 245 23.00 -2.73 1.02
CA GLU A 245 23.74 -3.95 1.32
C GLU A 245 22.88 -4.95 2.09
N GLU A 246 22.00 -4.45 2.97
CA GLU A 246 21.07 -5.34 3.65
C GLU A 246 20.03 -5.92 2.69
N ILE A 247 19.54 -5.09 1.76
CA ILE A 247 18.51 -5.55 0.83
C ILE A 247 19.04 -6.70 -0.02
N ILE A 248 20.26 -6.56 -0.54
CA ILE A 248 20.82 -7.59 -1.41
C ILE A 248 21.52 -8.70 -0.64
N GLY A 249 21.73 -8.52 0.68
CA GLY A 249 22.50 -9.49 1.43
C GLY A 249 21.84 -10.86 1.52
N GLY A 250 20.53 -10.90 1.71
CA GLY A 250 19.81 -12.16 1.75
C GLY A 250 19.74 -12.83 3.11
N GLN A 251 19.87 -12.08 4.19
CA GLN A 251 19.76 -12.63 5.54
C GLN A 251 18.70 -11.85 6.30
N VAL A 252 17.78 -12.57 6.94
CA VAL A 252 16.68 -11.97 7.69
C VAL A 252 16.86 -12.37 9.14
N PHE A 253 17.12 -11.38 9.99
CA PHE A 253 17.25 -11.58 11.43
C PHE A 253 15.95 -11.12 12.09
N PHE A 254 15.41 -11.93 12.99
CA PHE A 254 14.16 -11.60 13.66
C PHE A 254 14.44 -11.02 15.04
N ARG A 255 14.04 -9.77 15.23
CA ARG A 255 14.25 -9.04 16.48
C ARG A 255 13.16 -9.31 17.51
N GLN A 256 12.09 -10.00 17.12
CA GLN A 256 10.98 -10.32 18.00
C GLN A 256 10.68 -11.81 17.90
N ARG A 257 9.97 -12.32 18.91
CA ARG A 257 9.46 -13.68 18.83
C ARG A 257 8.45 -13.76 17.69
N VAL A 258 8.76 -14.56 16.68
CA VAL A 258 7.89 -14.79 15.54
C VAL A 258 7.84 -16.29 15.29
N SER A 259 6.64 -16.81 15.04
CA SER A 259 6.45 -18.25 14.87
C SER A 259 7.24 -18.76 13.68
N GLU A 261 6.31 -20.70 11.42
CA GLU A 261 5.44 -20.68 10.25
C GLU A 261 5.47 -19.30 9.60
N CYS A 262 5.37 -18.25 10.43
CA CYS A 262 5.41 -16.88 9.90
C CYS A 262 6.79 -16.51 9.39
N GLN A 263 7.85 -16.90 10.13
CA GLN A 263 9.21 -16.68 9.66
C GLN A 263 9.44 -17.30 8.28
N HIS A 264 8.92 -18.51 8.08
CA HIS A 264 9.09 -19.18 6.79
C HIS A 264 8.44 -18.39 5.67
N LEU A 265 7.21 -17.91 5.89
CA LEU A 265 6.53 -17.11 4.87
C LEU A 265 7.31 -15.85 4.54
N ILE A 266 7.78 -15.15 5.57
CA ILE A 266 8.54 -13.93 5.34
C ILE A 266 9.80 -14.22 4.53
N ARG A 267 10.54 -15.26 4.91
CA ARG A 267 11.77 -15.58 4.20
C ARG A 267 11.49 -16.02 2.78
N TRP A 268 10.34 -16.66 2.55
CA TRP A 268 9.97 -17.04 1.20
C TRP A 268 9.66 -15.82 0.34
N CYS A 269 8.90 -14.86 0.88
CA CYS A 269 8.64 -13.61 0.17
C CYS A 269 9.90 -12.82 -0.10
N LEU A 270 10.92 -12.96 0.77
CA LEU A 270 12.16 -12.22 0.65
C LEU A 270 13.27 -13.07 0.03
N ALA A 271 12.92 -14.08 -0.76
CA ALA A 271 13.91 -14.79 -1.54
C ALA A 271 14.64 -13.84 -2.48
N LEU A 272 15.97 -13.98 -2.56
CA LEU A 272 16.76 -13.08 -3.38
C LEU A 272 16.41 -13.22 -4.86
N ARG A 273 16.23 -14.44 -5.34
CA ARG A 273 15.87 -14.64 -6.74
C ARG A 273 14.38 -14.45 -6.92
N PRO A 274 13.94 -13.58 -7.84
CA PRO A 274 12.50 -13.33 -7.99
C PRO A 274 11.68 -14.60 -8.23
N SER A 275 12.19 -15.53 -9.04
CA SER A 275 11.42 -16.73 -9.36
C SER A 275 11.28 -17.68 -8.17
N ASP A 276 12.11 -17.52 -7.14
CA ASP A 276 11.98 -18.31 -5.92
C ASP A 276 10.90 -17.79 -4.99
N ARG A 277 10.30 -16.64 -5.30
CA ARG A 277 9.31 -16.07 -4.40
C ARG A 277 7.96 -16.74 -4.64
N PRO A 278 7.10 -16.78 -3.62
CA PRO A 278 5.78 -17.40 -3.82
C PRO A 278 4.89 -16.52 -4.67
N THR A 279 3.98 -17.16 -5.40
CA THR A 279 2.85 -16.46 -6.01
C THR A 279 1.88 -16.00 -4.93
N PHE A 280 0.97 -15.10 -5.30
CA PHE A 280 -0.05 -14.68 -4.36
C PHE A 280 -0.88 -15.86 -3.87
N GLU A 281 -1.15 -16.82 -4.76
CA GLU A 281 -1.89 -18.01 -4.38
C GLU A 281 -1.12 -18.83 -3.34
N GLU A 282 0.19 -18.98 -3.53
CA GLU A 282 0.99 -19.72 -2.56
C GLU A 282 1.06 -18.97 -1.23
N ILE A 283 1.06 -17.65 -1.24
CA ILE A 283 1.03 -16.89 0.01
C ILE A 283 -0.25 -17.18 0.76
N GLN A 284 -1.39 -17.07 0.07
CA GLN A 284 -2.68 -17.22 0.74
C GLN A 284 -2.98 -18.67 1.09
N ASN A 285 -2.35 -19.64 0.43
CA ASN A 285 -2.43 -21.04 0.83
C ASN A 285 -1.41 -21.43 1.89
N HIS A 286 -0.52 -20.52 2.27
CA HIS A 286 0.52 -20.87 3.23
C HIS A 286 -0.11 -21.23 4.59
N PRO A 287 0.46 -22.21 5.32
CA PRO A 287 -0.09 -22.58 6.63
C PRO A 287 -0.30 -21.42 7.59
N TRP A 288 0.61 -20.43 7.60
CA TRP A 288 0.46 -19.32 8.54
C TRP A 288 -0.78 -18.48 8.25
N MET A 289 -1.27 -18.50 7.01
CA MET A 289 -2.35 -17.62 6.59
C MET A 289 -3.74 -18.23 6.76
N GLN A 290 -3.85 -19.37 7.44
CA GLN A 290 -5.14 -20.03 7.57
C GLN A 290 -5.92 -19.49 8.77
N ASP A 291 -7.25 -19.60 8.68
CA ASP A 291 -8.17 -19.21 9.76
C ASP A 291 -8.08 -17.72 10.08
N VAL A 292 -8.06 -16.91 9.02
CA VAL A 292 -7.99 -15.47 9.20
C VAL A 292 -9.26 -14.96 9.87
N LEU A 293 -9.11 -13.90 10.66
CA LEU A 293 -10.27 -13.23 11.24
C LEU A 293 -11.02 -12.45 10.17
N LEU A 294 -12.33 -12.34 10.35
CA LEU A 294 -13.13 -11.42 9.56
C LEU A 294 -12.78 -9.98 9.96
N PRO A 295 -13.03 -9.01 9.08
CA PRO A 295 -12.72 -7.61 9.44
C PRO A 295 -13.43 -7.14 10.70
N GLN A 296 -14.69 -7.51 10.89
CA GLN A 296 -15.41 -7.05 12.08
C GLN A 296 -14.92 -7.74 13.34
N GLU A 297 -14.59 -9.04 13.24
CA GLU A 297 -13.93 -9.71 14.36
C GLU A 297 -12.62 -9.02 14.71
N THR A 298 -11.85 -8.63 13.70
CA THR A 298 -10.58 -7.96 13.93
C THR A 298 -10.79 -6.66 14.70
N ALA A 299 -11.80 -5.87 14.32
CA ALA A 299 -12.06 -4.62 15.02
C ALA A 299 -12.52 -4.86 16.45
N GLU A 300 -13.42 -5.84 16.66
CA GLU A 300 -13.93 -6.09 18.00
C GLU A 300 -12.84 -6.61 18.93
N ILE A 301 -11.91 -7.40 18.40
CA ILE A 301 -10.90 -8.05 19.23
C ILE A 301 -9.72 -7.13 19.46
N HIS A 302 -9.31 -6.37 18.43
CA HIS A 302 -8.03 -5.69 18.46
C HIS A 302 -8.10 -4.17 18.34
N LEU A 303 -9.23 -3.60 17.92
CA LEU A 303 -9.29 -2.18 17.62
C LEU A 303 -10.24 -1.40 18.50
N HIS A 304 -11.34 -1.99 18.95
CA HIS A 304 -12.30 -1.28 19.80
C HIS A 304 -11.79 -1.22 21.24
N ARG B 2 15.94 1.95 18.98
CA ARG B 2 16.18 1.91 17.54
C ARG B 2 15.23 2.86 16.81
N LYS B 3 15.78 3.70 15.94
CA LYS B 3 15.01 4.77 15.29
C LYS B 3 14.16 4.18 14.17
N ARG B 4 12.86 4.11 14.38
CA ARG B 4 11.90 3.78 13.34
C ARG B 4 11.44 5.06 12.66
N ARG B 5 11.44 5.05 11.32
CA ARG B 5 11.14 6.28 10.59
C ARG B 5 10.41 5.95 9.31
N ARG B 6 9.71 6.96 8.79
CA ARG B 6 9.11 6.86 7.48
C ARG B 6 10.20 6.98 6.40
N HIS B 7 9.83 6.62 5.17
CA HIS B 7 10.75 6.67 4.04
C HIS B 7 10.01 7.24 2.83
N PRO B 8 10.26 8.49 2.49
CA PRO B 8 9.62 9.08 1.31
C PRO B 8 9.87 8.26 0.05
N SER B 9 8.89 8.28 -0.86
CA SER B 9 8.99 7.53 -2.11
C SER B 9 9.27 8.52 -3.21
N GLY B 10 8.27 9.00 -3.95
CA GLY B 10 8.43 10.05 -4.92
C GLY B 10 9.43 9.81 -6.04
#